data_1QE7
#
_entry.id   1QE7
#
_cell.length_a   1.000
_cell.length_b   1.000
_cell.length_c   1.000
_cell.angle_alpha   90.00
_cell.angle_beta   90.00
_cell.angle_gamma   90.00
#
_symmetry.space_group_name_H-M   'P 1'
#
_entity_poly.entity_id   1
_entity_poly.type   'polydeoxyribonucleotide'
_entity_poly.pdbx_seq_one_letter_code
;(DC)(DT)(DA)(DG)(DA)(DG)(DG)(DA)(DT)(DC)(DC)(DT)(DT)(DT)(DU)(DG)(DG)(DA)(DT)(DC)
(DC)(DT)
;
_entity_poly.pdbx_strand_id   A
#
loop_
_chem_comp.id
_chem_comp.type
_chem_comp.name
_chem_comp.formula
DA DNA linking 2'-DEOXYADENOSINE-5'-MONOPHOSPHATE 'C10 H14 N5 O6 P'
DC DNA linking 2'-DEOXYCYTIDINE-5'-MONOPHOSPHATE 'C9 H14 N3 O7 P'
DG DNA linking 2'-DEOXYGUANOSINE-5'-MONOPHOSPHATE 'C10 H14 N5 O7 P'
DT DNA linking THYMIDINE-5'-MONOPHOSPHATE 'C10 H15 N2 O8 P'
DU DNA linking 2'-DEOXYURIDINE-5'-MONOPHOSPHATE 'C9 H13 N2 O8 P'
#